data_3UZJ
#
_entry.id   3UZJ
#
_cell.length_a   95.922
_cell.length_b   123.762
_cell.length_c   45.642
_cell.angle_alpha   90.00
_cell.angle_beta   90.00
_cell.angle_gamma   90.00
#
_symmetry.space_group_name_H-M   'P 21 21 2'
#
loop_
_entity.id
_entity.type
_entity.pdbx_description
1 polymer 'Kemp eliminase KE59 R13 3/11H'
2 non-polymer 1H-benzotriazole
3 non-polymer 'PHOSPHATE ION'
4 water water
#
_entity_poly.entity_id   1
_entity_poly.type   'polypeptide(L)'
_entity_poly.pdbx_seq_one_letter_code
;APRYLKGWLEDVVQRSQRRPSVRASRQRPIISLKERILEFNKRNITAIMAVYKRKSPSGLDVERDPIEYAKFMERGVVGL
AILTEEKYFNGSYEDLRKIASSVSVPILMWDIIVKESQIDDAYNLGADTVGLIVKILTERELESLLEYARSLGMEPAIVI
HDENDLDIALRIGARFIIITSHDLETLEINNENQRKLISMIPSNVVKVVASGISERNEIEELYKLGVNAFEIGTSLMRNP
EKIKEFIQGSLE
;
_entity_poly.pdbx_strand_id   A,B
#
loop_
_chem_comp.id
_chem_comp.type
_chem_comp.name
_chem_comp.formula
0CT non-polymer 1H-benzotriazole 'C6 H5 N3'
PO4 non-polymer 'PHOSPHATE ION' 'O4 P -3'
#
# COMPACT_ATOMS: atom_id res chain seq x y z
N PRO A 2 6.08 -16.86 -15.07
CA PRO A 2 4.62 -16.57 -14.95
C PRO A 2 3.86 -17.63 -14.23
N ARG A 3 2.60 -17.33 -13.92
CA ARG A 3 1.71 -18.35 -13.35
C ARG A 3 1.47 -19.46 -14.39
N TYR A 4 1.00 -20.62 -13.91
CA TYR A 4 0.44 -21.63 -14.84
C TYR A 4 -0.82 -21.05 -15.47
N LEU A 5 -0.94 -21.14 -16.80
CA LEU A 5 -2.07 -20.49 -17.48
C LEU A 5 -2.63 -21.44 -18.52
N LYS A 6 -3.79 -21.12 -19.06
CA LYS A 6 -4.41 -21.97 -20.13
C LYS A 6 -4.89 -21.02 -21.20
N GLY A 7 -5.22 -21.57 -22.36
CA GLY A 7 -5.92 -20.70 -23.32
C GLY A 7 -5.04 -19.70 -24.06
N TRP A 8 -5.69 -18.62 -24.52
CA TRP A 8 -5.00 -17.68 -25.35
C TRP A 8 -3.91 -17.00 -24.49
N LEU A 9 -4.19 -16.86 -23.20
CA LEU A 9 -3.14 -16.18 -22.36
C LEU A 9 -1.88 -17.05 -22.25
N GLU A 10 -2.03 -18.37 -22.21
CA GLU A 10 -0.85 -19.23 -22.19
C GLU A 10 -0.05 -19.08 -23.49
N ASP A 11 -0.74 -19.01 -24.64
CA ASP A 11 -0.07 -18.73 -25.94
C ASP A 11 0.71 -17.38 -25.87
N VAL A 12 0.04 -16.32 -25.47
CA VAL A 12 0.73 -15.01 -25.47
C VAL A 12 1.92 -15.02 -24.54
N VAL A 13 1.78 -15.62 -23.35
CA VAL A 13 2.95 -15.64 -22.45
C VAL A 13 4.21 -16.33 -23.09
N GLN A 14 4.01 -17.45 -23.78
CA GLN A 14 5.12 -18.12 -24.48
C GLN A 14 5.71 -17.21 -25.51
N ARG A 15 4.82 -16.50 -26.26
CA ARG A 15 5.24 -15.58 -27.33
C ARG A 15 6.05 -14.44 -26.71
N SER A 16 5.61 -13.90 -25.57
CA SER A 16 6.32 -12.82 -24.85
C SER A 16 7.67 -13.31 -24.34
N GLN A 17 7.65 -14.51 -23.78
CA GLN A 17 8.92 -15.08 -23.27
C GLN A 17 9.95 -15.17 -24.38
N ARG A 18 9.53 -15.52 -25.60
CA ARG A 18 10.49 -15.72 -26.72
C ARG A 18 10.84 -14.39 -27.40
N ARG A 19 10.15 -13.30 -27.07
CA ARG A 19 10.19 -12.09 -27.95
C ARG A 19 11.54 -11.42 -27.86
N PRO A 20 12.23 -11.25 -29.01
CA PRO A 20 13.55 -10.63 -28.99
C PRO A 20 13.51 -9.18 -28.61
N SER A 21 14.55 -8.75 -27.92
CA SER A 21 14.71 -7.34 -27.59
C SER A 21 14.83 -6.48 -28.87
N VAL A 22 14.26 -5.27 -28.85
CA VAL A 22 14.14 -4.52 -30.09
C VAL A 22 15.28 -3.51 -30.20
N ARG A 23 15.69 -3.29 -31.44
CA ARG A 23 16.61 -2.22 -31.75
C ARG A 23 15.87 -0.89 -31.73
N ALA A 24 16.14 -0.06 -30.74
CA ALA A 24 15.42 1.25 -30.65
C ALA A 24 16.11 2.16 -29.68
N SER A 25 15.84 3.47 -29.78
CA SER A 25 16.28 4.33 -28.68
C SER A 25 15.37 5.55 -28.56
N ARG A 26 15.15 5.97 -27.31
CA ARG A 26 14.10 6.92 -27.00
C ARG A 26 14.54 8.37 -27.30
N GLN A 27 13.57 9.23 -27.53
CA GLN A 27 13.84 10.59 -28.11
C GLN A 27 13.52 11.72 -27.15
N ARG A 28 13.03 11.41 -25.93
CA ARG A 28 12.75 12.39 -24.86
C ARG A 28 12.75 11.67 -23.53
N PRO A 29 12.95 12.40 -22.41
CA PRO A 29 12.93 11.77 -21.10
C PRO A 29 11.55 11.27 -20.74
N ILE A 30 11.52 10.34 -19.78
CA ILE A 30 10.21 9.83 -19.32
C ILE A 30 9.39 10.98 -18.75
N ILE A 31 8.11 11.00 -19.10
CA ILE A 31 7.04 11.82 -18.47
C ILE A 31 6.13 10.86 -17.70
N SER A 32 5.99 11.08 -16.39
CA SER A 32 5.18 10.16 -15.60
C SER A 32 3.70 10.23 -15.95
N LEU A 33 3.13 9.11 -16.40
CA LEU A 33 1.70 9.08 -16.60
C LEU A 33 0.96 9.24 -15.29
N LYS A 34 1.41 8.59 -14.24
CA LYS A 34 0.73 8.65 -12.96
C LYS A 34 0.68 10.09 -12.47
N GLU A 35 1.81 10.76 -12.54
CA GLU A 35 1.81 12.20 -12.16
C GLU A 35 0.95 13.05 -13.06
N ARG A 36 0.90 12.81 -14.38
CA ARG A 36 0.03 13.65 -15.25
C ARG A 36 -1.43 13.46 -14.88
N ILE A 37 -1.81 12.22 -14.46
CA ILE A 37 -3.15 11.97 -13.99
C ILE A 37 -3.44 12.86 -12.76
N LEU A 38 -2.51 12.86 -11.81
CA LEU A 38 -2.70 13.69 -10.59
C LEU A 38 -2.77 15.16 -10.98
N GLU A 39 -1.95 15.63 -11.93
CA GLU A 39 -2.08 17.03 -12.45
C GLU A 39 -3.44 17.29 -13.07
N PHE A 40 -3.98 16.37 -13.90
CA PHE A 40 -5.37 16.57 -14.44
C PHE A 40 -6.43 16.67 -13.37
N ASN A 41 -6.27 15.84 -12.36
CA ASN A 41 -7.23 15.78 -11.29
C ASN A 41 -7.24 17.12 -10.56
N LYS A 42 -6.05 17.64 -10.31
CA LYS A 42 -5.89 18.92 -9.59
C LYS A 42 -6.52 20.05 -10.41
N ARG A 43 -6.34 20.04 -11.76
CA ARG A 43 -6.91 21.04 -12.67
C ARG A 43 -8.41 20.80 -13.03
N ASN A 44 -9.02 19.78 -12.43
CA ASN A 44 -10.40 19.46 -12.70
C ASN A 44 -10.65 19.20 -14.19
N ILE A 45 -9.73 18.48 -14.80
CA ILE A 45 -9.80 18.09 -16.19
C ILE A 45 -10.04 16.58 -16.23
N THR A 46 -11.00 16.12 -17.02
CA THR A 46 -11.24 14.70 -17.13
C THR A 46 -9.98 14.01 -17.76
N ALA A 47 -9.54 12.93 -17.15
CA ALA A 47 -8.28 12.23 -17.55
C ALA A 47 -8.60 10.88 -18.26
N ILE A 48 -8.49 10.90 -19.59
CA ILE A 48 -8.81 9.76 -20.42
C ILE A 48 -7.51 9.21 -20.98
N MET A 49 -7.28 7.92 -20.80
CA MET A 49 -6.16 7.24 -21.47
C MET A 49 -6.72 6.49 -22.69
N ALA A 50 -6.60 7.06 -23.89
CA ALA A 50 -7.14 6.37 -25.08
C ALA A 50 -6.22 5.21 -25.43
N VAL A 51 -6.81 4.10 -25.90
CA VAL A 51 -5.99 2.96 -26.26
C VAL A 51 -5.98 2.87 -27.81
N TYR A 52 -4.81 2.59 -28.40
CA TYR A 52 -4.74 2.27 -29.84
C TYR A 52 -4.60 0.77 -29.98
N LYS A 53 -5.55 0.16 -30.71
CA LYS A 53 -5.43 -1.32 -31.00
C LYS A 53 -6.26 -1.63 -32.24
N ARG A 54 -5.68 -2.36 -33.17
CA ARG A 54 -6.47 -2.76 -34.36
C ARG A 54 -7.40 -3.90 -34.09
N LYS A 55 -7.00 -4.79 -33.19
CA LYS A 55 -7.79 -5.99 -33.02
C LYS A 55 -7.83 -6.21 -31.52
N SER A 56 -8.79 -7.02 -31.09
CA SER A 56 -8.79 -7.49 -29.68
C SER A 56 -9.25 -8.94 -29.67
N PRO A 57 -8.87 -9.67 -28.61
CA PRO A 57 -9.28 -11.07 -28.52
C PRO A 57 -10.80 -11.24 -28.45
N SER A 58 -11.52 -10.21 -28.00
CA SER A 58 -12.98 -10.23 -27.97
C SER A 58 -13.62 -9.89 -29.34
N GLY A 59 -12.79 -9.63 -30.35
CA GLY A 59 -13.31 -9.53 -31.71
C GLY A 59 -13.22 -8.18 -32.41
N LEU A 60 -12.72 -7.15 -31.72
CA LEU A 60 -12.55 -5.84 -32.43
C LEU A 60 -11.65 -6.07 -33.64
N ASP A 61 -11.97 -5.40 -34.77
CA ASP A 61 -11.13 -5.55 -35.95
C ASP A 61 -11.28 -4.28 -36.76
N VAL A 62 -10.29 -3.40 -36.68
CA VAL A 62 -10.41 -2.13 -37.39
C VAL A 62 -9.05 -1.71 -37.90
N GLU A 63 -9.01 -0.94 -38.98
CA GLU A 63 -7.78 -0.39 -39.47
C GLU A 63 -7.85 1.08 -39.26
N ARG A 64 -6.83 1.67 -38.65
CA ARG A 64 -6.73 3.14 -38.48
C ARG A 64 -5.27 3.50 -38.37
N ASP A 65 -4.83 4.57 -39.04
CA ASP A 65 -3.38 4.87 -39.02
C ASP A 65 -2.97 5.31 -37.58
N PRO A 66 -1.96 4.63 -36.98
CA PRO A 66 -1.61 4.90 -35.57
C PRO A 66 -1.13 6.32 -35.32
N ILE A 67 -0.33 6.95 -36.22
CA ILE A 67 0.12 8.27 -35.89
C ILE A 67 -1.09 9.26 -35.98
N GLU A 68 -1.95 9.11 -37.03
CA GLU A 68 -3.14 10.01 -37.13
C GLU A 68 -4.05 9.89 -35.91
N TYR A 69 -4.26 8.67 -35.43
CA TYR A 69 -5.10 8.52 -34.22
C TYR A 69 -4.45 9.20 -33.02
N ALA A 70 -3.13 8.97 -32.80
CA ALA A 70 -2.42 9.55 -31.65
C ALA A 70 -2.44 11.07 -31.75
N LYS A 71 -2.26 11.61 -32.96
CA LYS A 71 -2.24 13.09 -33.01
C LYS A 71 -3.62 13.64 -32.82
N PHE A 72 -4.65 12.95 -33.28
CA PHE A 72 -6.03 13.40 -33.04
C PHE A 72 -6.33 13.41 -31.57
N MET A 73 -5.92 12.34 -30.89
CA MET A 73 -6.15 12.22 -29.47
C MET A 73 -5.30 13.13 -28.60
N GLU A 74 -4.09 13.51 -29.03
CA GLU A 74 -3.11 14.14 -28.21
C GLU A 74 -3.67 15.31 -27.40
N ARG A 75 -4.45 16.20 -27.99
CA ARG A 75 -4.90 17.32 -27.18
C ARG A 75 -5.92 17.09 -26.13
N GLY A 76 -6.55 15.93 -26.19
CA GLY A 76 -7.70 15.62 -25.32
C GLY A 76 -7.30 14.63 -24.23
N VAL A 77 -6.21 13.88 -24.39
CA VAL A 77 -6.03 12.78 -23.46
C VAL A 77 -4.99 13.11 -22.41
N VAL A 78 -5.07 12.36 -21.29
CA VAL A 78 -4.00 12.43 -20.31
C VAL A 78 -2.80 11.60 -20.77
N GLY A 79 -3.06 10.55 -21.58
CA GLY A 79 -1.96 9.76 -22.14
C GLY A 79 -2.56 8.73 -23.09
N LEU A 80 -1.71 7.89 -23.66
CA LEU A 80 -2.17 6.88 -24.64
C LEU A 80 -1.59 5.56 -24.21
N ALA A 81 -2.37 4.49 -24.39
CA ALA A 81 -1.88 3.13 -24.20
C ALA A 81 -1.80 2.50 -25.57
N ILE A 82 -0.64 1.99 -25.92
CA ILE A 82 -0.46 1.48 -27.30
C ILE A 82 -0.24 -0.02 -27.24
N LEU A 83 -1.10 -0.78 -27.96
CA LEU A 83 -0.90 -2.27 -27.98
C LEU A 83 0.39 -2.62 -28.73
N THR A 84 1.19 -3.47 -28.10
CA THR A 84 2.33 -3.99 -28.84
C THR A 84 2.29 -5.51 -28.88
N GLU A 85 1.31 -6.10 -28.20
CA GLU A 85 1.07 -7.54 -28.41
C GLU A 85 0.72 -7.88 -29.86
N GLU A 86 1.31 -8.93 -30.40
CA GLU A 86 1.26 -9.09 -31.84
C GLU A 86 0.10 -9.95 -32.42
N LYS A 87 -0.22 -11.03 -31.75
CA LYS A 87 -1.16 -12.01 -32.33
C LYS A 87 -2.59 -11.70 -32.15
N TYR A 88 -3.02 -11.35 -30.95
CA TYR A 88 -4.46 -11.25 -30.70
C TYR A 88 -4.94 -9.78 -30.85
N PHE A 89 -3.98 -8.83 -30.75
CA PHE A 89 -4.27 -7.41 -30.89
C PHE A 89 -3.74 -6.79 -32.18
N ASN A 90 -2.90 -7.56 -32.88
CA ASN A 90 -2.25 -7.11 -34.12
C ASN A 90 -1.45 -5.85 -33.93
N GLY A 91 -0.81 -5.74 -32.78
CA GLY A 91 0.01 -4.56 -32.53
C GLY A 91 1.45 -4.87 -32.91
N SER A 92 2.31 -3.92 -32.69
CA SER A 92 3.75 -4.14 -32.90
C SER A 92 4.51 -3.05 -32.20
N TYR A 93 5.79 -3.29 -31.99
CA TYR A 93 6.66 -2.29 -31.37
C TYR A 93 6.80 -1.10 -32.35
N GLU A 94 6.59 -1.33 -33.61
CA GLU A 94 6.71 -0.20 -34.54
C GLU A 94 5.62 0.80 -34.29
N ASP A 95 4.41 0.33 -33.93
CA ASP A 95 3.33 1.29 -33.63
C ASP A 95 3.76 2.21 -32.49
N LEU A 96 4.32 1.59 -31.46
CA LEU A 96 4.81 2.41 -30.30
C LEU A 96 5.98 3.34 -30.67
N ARG A 97 6.92 2.86 -31.48
CA ARG A 97 8.05 3.70 -31.95
C ARG A 97 7.51 4.95 -32.65
N LYS A 98 6.55 4.75 -33.54
CA LYS A 98 6.02 5.89 -34.31
C LYS A 98 5.24 6.84 -33.41
N ILE A 99 4.40 6.28 -32.57
CA ILE A 99 3.54 7.16 -31.73
C ILE A 99 4.31 7.96 -30.72
N ALA A 100 5.24 7.30 -30.03
CA ALA A 100 5.96 7.95 -28.89
C ALA A 100 6.93 8.96 -29.36
N SER A 101 7.34 8.90 -30.64
CA SER A 101 8.21 9.91 -31.26
C SER A 101 7.39 11.04 -31.92
N SER A 102 6.07 10.94 -31.92
CA SER A 102 5.23 11.85 -32.75
C SER A 102 4.26 12.70 -31.92
N VAL A 103 4.06 12.33 -30.65
CA VAL A 103 3.19 13.09 -29.81
C VAL A 103 3.91 13.33 -28.48
N SER A 104 3.36 14.22 -27.69
CA SER A 104 3.97 14.73 -26.47
C SER A 104 3.42 14.19 -25.16
N VAL A 105 2.31 13.46 -25.20
CA VAL A 105 1.71 12.95 -24.01
C VAL A 105 2.35 11.63 -23.57
N PRO A 106 2.26 11.34 -22.29
CA PRO A 106 2.87 10.10 -21.80
C PRO A 106 2.21 8.87 -22.43
N ILE A 107 2.97 7.79 -22.53
CA ILE A 107 2.57 6.60 -23.24
C ILE A 107 2.73 5.37 -22.35
N LEU A 108 1.71 4.53 -22.27
CA LEU A 108 1.81 3.20 -21.67
C LEU A 108 1.90 2.13 -22.75
N MET A 109 2.90 1.28 -22.67
CA MET A 109 3.02 0.19 -23.62
C MET A 109 2.20 -0.95 -23.09
N TRP A 110 1.16 -1.35 -23.82
CA TRP A 110 0.19 -2.29 -23.39
C TRP A 110 0.58 -3.60 -24.00
N ASP A 111 0.96 -4.53 -23.15
CA ASP A 111 1.40 -5.82 -23.68
C ASP A 111 1.31 -6.78 -22.47
N ILE A 112 1.64 -8.02 -22.71
CA ILE A 112 1.70 -9.05 -21.60
C ILE A 112 3.18 -9.14 -21.25
N ILE A 113 3.57 -8.46 -20.18
CA ILE A 113 4.95 -8.35 -19.76
C ILE A 113 5.31 -9.50 -18.83
N VAL A 114 6.34 -10.28 -19.20
CA VAL A 114 6.77 -11.46 -18.40
C VAL A 114 8.24 -11.41 -18.01
N LYS A 115 8.98 -10.45 -18.55
CA LYS A 115 10.46 -10.41 -18.42
C LYS A 115 10.99 -8.98 -18.54
N GLU A 116 12.14 -8.78 -17.90
CA GLU A 116 12.83 -7.47 -17.90
C GLU A 116 13.09 -6.91 -19.29
N SER A 117 13.37 -7.78 -20.26
CA SER A 117 13.78 -7.17 -21.53
C SER A 117 12.59 -6.52 -22.27
N GLN A 118 11.37 -6.92 -21.91
CA GLN A 118 10.22 -6.19 -22.50
C GLN A 118 10.05 -4.80 -21.88
N ILE A 119 10.39 -4.66 -20.63
CA ILE A 119 10.44 -3.35 -20.02
C ILE A 119 11.57 -2.46 -20.65
N ASP A 120 12.72 -3.06 -20.88
CA ASP A 120 13.77 -2.36 -21.66
C ASP A 120 13.22 -1.97 -23.06
N ASP A 121 12.45 -2.88 -23.70
CA ASP A 121 11.86 -2.53 -25.04
C ASP A 121 10.96 -1.29 -24.87
N ALA A 122 10.05 -1.30 -23.89
CA ALA A 122 9.17 -0.13 -23.70
C ALA A 122 10.00 1.15 -23.52
N TYR A 123 11.02 1.09 -22.66
CA TYR A 123 11.90 2.26 -22.41
C TYR A 123 12.57 2.71 -23.71
N ASN A 124 13.14 1.77 -24.48
CA ASN A 124 13.94 2.15 -25.69
C ASN A 124 13.02 2.59 -26.82
N LEU A 125 11.75 2.13 -26.79
CA LEU A 125 10.81 2.61 -27.82
C LEU A 125 10.13 3.93 -27.47
N GLY A 126 10.38 4.44 -26.27
CA GLY A 126 9.86 5.75 -25.91
C GLY A 126 8.67 5.73 -24.98
N ALA A 127 8.20 4.54 -24.57
CA ALA A 127 7.08 4.52 -23.58
C ALA A 127 7.49 5.10 -22.21
N ASP A 128 6.52 5.62 -21.46
CA ASP A 128 6.78 6.13 -20.08
C ASP A 128 6.41 5.17 -18.99
N THR A 129 5.67 4.15 -19.36
CA THR A 129 5.25 3.16 -18.41
C THR A 129 4.71 1.89 -19.03
N VAL A 130 4.50 0.88 -18.18
CA VAL A 130 3.88 -0.41 -18.68
C VAL A 130 2.85 -0.86 -17.67
N GLY A 131 2.01 -1.83 -18.08
CA GLY A 131 1.06 -2.51 -17.11
C GLY A 131 1.76 -3.83 -16.72
N LEU A 132 1.58 -4.23 -15.48
CA LEU A 132 2.07 -5.57 -15.01
C LEU A 132 0.79 -6.26 -14.45
N ILE A 133 0.48 -7.47 -14.89
CA ILE A 133 -0.87 -8.04 -14.71
C ILE A 133 -0.76 -9.12 -13.62
N VAL A 134 -1.47 -8.92 -12.50
CA VAL A 134 -1.35 -9.86 -11.37
C VAL A 134 -1.82 -11.29 -11.77
N LYS A 135 -2.79 -11.39 -12.67
CA LYS A 135 -3.21 -12.75 -13.08
C LYS A 135 -2.15 -13.53 -13.88
N ILE A 136 -1.18 -12.81 -14.46
CA ILE A 136 -0.13 -13.48 -15.28
C ILE A 136 1.06 -13.82 -14.42
N LEU A 137 1.37 -12.94 -13.48
CA LEU A 137 2.68 -13.01 -12.80
C LEU A 137 2.55 -13.48 -11.37
N THR A 138 3.55 -14.22 -10.88
CA THR A 138 3.66 -14.49 -9.42
C THR A 138 3.97 -13.22 -8.63
N GLU A 139 3.66 -13.28 -7.33
CA GLU A 139 3.92 -12.15 -6.48
C GLU A 139 5.42 -11.82 -6.53
N ARG A 140 6.30 -12.81 -6.48
CA ARG A 140 7.75 -12.57 -6.55
C ARG A 140 8.13 -11.88 -7.88
N GLU A 141 7.57 -12.37 -9.01
CA GLU A 141 7.90 -11.78 -10.33
C GLU A 141 7.36 -10.35 -10.38
N LEU A 142 6.17 -10.12 -9.85
CA LEU A 142 5.61 -8.73 -9.79
C LEU A 142 6.47 -7.78 -8.98
N GLU A 143 6.93 -8.22 -7.80
CA GLU A 143 7.84 -7.41 -6.99
C GLU A 143 9.11 -7.07 -7.79
N SER A 144 9.63 -8.09 -8.48
CA SER A 144 10.88 -7.93 -9.17
C SER A 144 10.72 -6.98 -10.36
N LEU A 145 9.65 -7.18 -11.14
CA LEU A 145 9.43 -6.34 -12.33
C LEU A 145 9.04 -4.90 -12.01
N LEU A 146 8.30 -4.74 -10.91
CA LEU A 146 7.91 -3.42 -10.42
C LEU A 146 9.19 -2.68 -10.05
N GLU A 147 10.08 -3.28 -9.26
CA GLU A 147 11.36 -2.62 -8.93
C GLU A 147 12.27 -2.33 -10.14
N TYR A 148 12.27 -3.24 -11.11
CA TYR A 148 13.07 -3.08 -12.30
C TYR A 148 12.55 -1.86 -13.11
N ALA A 149 11.23 -1.83 -13.33
CA ALA A 149 10.60 -0.66 -13.98
C ALA A 149 10.95 0.66 -13.25
N ARG A 150 10.78 0.67 -11.93
CA ARG A 150 11.14 1.87 -11.18
C ARG A 150 12.59 2.23 -11.35
N SER A 151 13.49 1.23 -11.43
CA SER A 151 14.91 1.50 -11.57
C SER A 151 15.24 2.28 -12.88
N LEU A 152 14.35 2.16 -13.90
CA LEU A 152 14.40 2.90 -15.21
C LEU A 152 13.66 4.20 -15.17
N GLY A 153 13.04 4.52 -14.05
CA GLY A 153 12.31 5.76 -13.89
C GLY A 153 10.85 5.72 -14.26
N MET A 154 10.31 4.49 -14.36
CA MET A 154 8.89 4.31 -14.69
C MET A 154 8.08 3.98 -13.45
N GLU A 155 6.85 4.45 -13.37
CA GLU A 155 5.95 3.85 -12.33
C GLU A 155 4.91 3.00 -13.07
N PRO A 156 5.00 1.68 -12.97
CA PRO A 156 4.09 0.84 -13.75
C PRO A 156 2.69 0.88 -13.13
N ALA A 157 1.68 0.61 -13.95
CA ALA A 157 0.32 0.31 -13.44
C ALA A 157 0.17 -1.16 -13.18
N ILE A 158 -0.36 -1.49 -12.03
CA ILE A 158 -0.53 -2.89 -11.69
C ILE A 158 -1.98 -3.19 -12.02
N VAL A 159 -2.20 -4.17 -12.87
CA VAL A 159 -3.53 -4.49 -13.38
C VAL A 159 -4.20 -5.57 -12.56
N ILE A 160 -5.38 -5.25 -12.04
CA ILE A 160 -6.16 -6.20 -11.24
C ILE A 160 -7.53 -6.47 -11.79
N HIS A 161 -8.05 -7.69 -11.56
CA HIS A 161 -9.37 -8.13 -12.01
CA HIS A 161 -9.45 -7.93 -11.99
C HIS A 161 -10.29 -8.38 -10.81
N ASP A 162 -9.66 -8.80 -9.72
CA ASP A 162 -10.41 -9.17 -8.51
C ASP A 162 -9.75 -8.84 -7.19
N GLU A 163 -10.45 -9.23 -6.13
CA GLU A 163 -9.95 -8.99 -4.80
C GLU A 163 -8.60 -9.69 -4.46
N ASN A 164 -8.40 -10.94 -4.88
CA ASN A 164 -7.09 -11.59 -4.68
C ASN A 164 -5.98 -10.79 -5.38
N ASP A 165 -6.26 -10.32 -6.61
CA ASP A 165 -5.27 -9.46 -7.30
C ASP A 165 -5.02 -8.21 -6.48
N LEU A 166 -6.05 -7.54 -5.99
CA LEU A 166 -5.81 -6.32 -5.25
C LEU A 166 -4.94 -6.55 -3.98
N ASP A 167 -5.22 -7.61 -3.26
CA ASP A 167 -4.42 -7.94 -2.06
C ASP A 167 -2.96 -8.08 -2.41
N ILE A 168 -2.65 -8.78 -3.52
CA ILE A 168 -1.26 -8.78 -4.02
C ILE A 168 -0.70 -7.42 -4.41
N ALA A 169 -1.46 -6.63 -5.18
CA ALA A 169 -1.01 -5.31 -5.64
C ALA A 169 -0.68 -4.40 -4.43
N LEU A 170 -1.49 -4.45 -3.38
CA LEU A 170 -1.23 -3.58 -2.20
C LEU A 170 -0.04 -4.12 -1.41
N ARG A 171 0.06 -5.44 -1.23
CA ARG A 171 1.21 -6.05 -0.52
C ARG A 171 2.52 -5.66 -1.16
N ILE A 172 2.61 -5.64 -2.51
CA ILE A 172 3.88 -5.29 -3.12
C ILE A 172 4.17 -3.77 -3.22
N GLY A 173 3.21 -2.95 -2.80
CA GLY A 173 3.41 -1.53 -2.74
C GLY A 173 3.12 -0.79 -4.05
N ALA A 174 2.16 -1.30 -4.78
CA ALA A 174 1.64 -0.57 -5.96
C ALA A 174 1.22 0.85 -5.58
N ARG A 175 1.50 1.79 -6.50
CA ARG A 175 0.97 3.14 -6.31
C ARG A 175 0.10 3.58 -7.47
N PHE A 176 -0.14 2.66 -8.40
CA PHE A 176 -0.81 2.99 -9.67
C PHE A 176 -1.48 1.66 -10.09
N ILE A 177 -2.83 1.65 -10.08
CA ILE A 177 -3.63 0.43 -10.36
C ILE A 177 -4.59 0.67 -11.53
N ILE A 178 -4.65 -0.31 -12.43
CA ILE A 178 -5.77 -0.36 -13.38
C ILE A 178 -6.76 -1.48 -12.92
N ILE A 179 -8.04 -1.09 -12.69
CA ILE A 179 -9.05 -2.09 -12.36
C ILE A 179 -9.78 -2.44 -13.68
N THR A 180 -9.64 -3.68 -14.13
CA THR A 180 -10.22 -4.05 -15.39
C THR A 180 -11.38 -4.95 -15.12
N SER A 181 -12.48 -4.67 -15.84
CA SER A 181 -13.62 -5.56 -15.83
C SER A 181 -13.56 -6.61 -16.94
N HIS A 182 -12.47 -6.71 -17.64
CA HIS A 182 -12.41 -7.72 -18.63
C HIS A 182 -12.09 -9.04 -18.06
N ASP A 183 -12.99 -9.97 -18.29
CA ASP A 183 -12.79 -11.35 -17.96
C ASP A 183 -11.85 -12.03 -18.99
N LEU A 184 -10.69 -12.47 -18.58
CA LEU A 184 -9.77 -13.19 -19.47
C LEU A 184 -10.24 -14.53 -20.01
N GLU A 185 -11.34 -15.02 -19.51
CA GLU A 185 -11.93 -16.22 -20.01
C GLU A 185 -13.33 -15.85 -20.39
N THR A 186 -13.82 -16.15 -21.52
CA THR A 186 -15.10 -15.50 -21.84
C THR A 186 -14.86 -14.19 -22.47
N LEU A 187 -13.85 -13.44 -22.01
CA LEU A 187 -13.48 -12.21 -22.71
C LEU A 187 -14.64 -11.23 -22.75
N GLU A 188 -15.49 -11.32 -21.76
CA GLU A 188 -16.61 -10.44 -21.58
C GLU A 188 -16.34 -9.42 -20.49
N ILE A 189 -16.99 -8.28 -20.57
CA ILE A 189 -16.94 -7.25 -19.56
C ILE A 189 -17.80 -7.72 -18.45
N ASN A 190 -17.27 -7.71 -17.24
CA ASN A 190 -18.03 -8.14 -16.07
C ASN A 190 -17.74 -7.17 -14.97
N ASN A 191 -18.73 -6.32 -14.72
CA ASN A 191 -18.62 -5.24 -13.75
C ASN A 191 -19.13 -5.54 -12.34
N GLU A 192 -19.44 -6.81 -12.03
CA GLU A 192 -20.15 -7.11 -10.78
C GLU A 192 -19.36 -6.70 -9.50
N ASN A 193 -18.03 -6.67 -9.60
CA ASN A 193 -17.17 -6.35 -8.47
C ASN A 193 -16.51 -4.98 -8.59
N GLN A 194 -16.83 -4.27 -9.67
CA GLN A 194 -16.13 -3.06 -9.96
C GLN A 194 -16.25 -2.04 -8.78
N ARG A 195 -17.47 -1.86 -8.27
CA ARG A 195 -17.65 -0.79 -7.29
C ARG A 195 -16.94 -1.17 -5.96
N LYS A 196 -17.07 -2.42 -5.60
CA LYS A 196 -16.43 -2.92 -4.37
C LYS A 196 -14.91 -2.74 -4.49
N LEU A 197 -14.34 -3.14 -5.62
CA LEU A 197 -12.88 -3.03 -5.74
C LEU A 197 -12.36 -1.61 -5.67
N ILE A 198 -13.05 -0.68 -6.37
CA ILE A 198 -12.68 0.72 -6.33
C ILE A 198 -12.66 1.17 -4.85
N SER A 199 -13.70 0.77 -4.12
CA SER A 199 -13.81 1.25 -2.74
C SER A 199 -12.71 0.66 -1.85
N MET A 200 -12.03 -0.40 -2.27
CA MET A 200 -10.96 -0.98 -1.45
C MET A 200 -9.56 -0.45 -1.75
N ILE A 201 -9.43 0.53 -2.64
CA ILE A 201 -8.10 1.01 -2.98
C ILE A 201 -7.77 2.21 -2.10
N PRO A 202 -6.61 2.13 -1.43
CA PRO A 202 -6.26 3.21 -0.46
C PRO A 202 -5.94 4.56 -1.13
N SER A 203 -5.82 5.58 -0.29
CA SER A 203 -5.61 6.96 -0.72
C SER A 203 -4.27 7.23 -1.45
N ASN A 204 -3.25 6.41 -1.23
CA ASN A 204 -1.95 6.66 -1.87
C ASN A 204 -1.86 6.03 -3.28
N VAL A 205 -2.98 5.54 -3.82
CA VAL A 205 -2.91 4.79 -5.10
C VAL A 205 -3.77 5.48 -6.10
N VAL A 206 -3.16 5.80 -7.26
CA VAL A 206 -3.91 6.33 -8.37
C VAL A 206 -4.61 5.18 -9.07
N LYS A 207 -5.93 5.34 -9.28
CA LYS A 207 -6.76 4.28 -9.84
C LYS A 207 -7.35 4.66 -11.18
N VAL A 208 -7.26 3.69 -12.08
CA VAL A 208 -7.75 3.89 -13.47
C VAL A 208 -8.73 2.70 -13.72
N VAL A 209 -9.85 2.94 -14.39
CA VAL A 209 -10.75 1.88 -14.72
C VAL A 209 -10.73 1.60 -16.22
N ALA A 210 -10.72 0.30 -16.53
CA ALA A 210 -10.93 -0.17 -17.89
C ALA A 210 -12.14 -1.09 -17.95
N SER A 211 -13.20 -0.75 -18.72
CA SER A 211 -14.41 -1.60 -18.64
C SER A 211 -15.33 -1.41 -19.84
N GLY A 212 -14.73 -1.24 -21.01
CA GLY A 212 -15.60 -1.04 -22.15
C GLY A 212 -16.50 0.20 -22.11
N ILE A 213 -15.96 1.26 -21.53
CA ILE A 213 -16.62 2.53 -21.42
C ILE A 213 -16.98 3.10 -22.78
N SER A 214 -18.24 3.54 -22.90
CA SER A 214 -18.71 4.11 -24.16
C SER A 214 -19.58 5.34 -23.98
N GLU A 215 -19.83 5.73 -22.71
CA GLU A 215 -20.72 6.90 -22.43
C GLU A 215 -20.17 7.85 -21.35
N ARG A 216 -20.38 9.15 -21.55
CA ARG A 216 -20.00 10.13 -20.55
C ARG A 216 -20.62 9.78 -19.18
N ASN A 217 -21.89 9.34 -19.17
CA ASN A 217 -22.56 8.99 -17.91
C ASN A 217 -21.75 7.98 -17.07
N GLU A 218 -21.16 6.97 -17.72
CA GLU A 218 -20.33 5.96 -17.03
C GLU A 218 -19.11 6.58 -16.33
N ILE A 219 -18.41 7.49 -17.02
CA ILE A 219 -17.29 8.21 -16.46
C ILE A 219 -17.70 9.06 -15.25
N GLU A 220 -18.82 9.75 -15.41
CA GLU A 220 -19.41 10.55 -14.34
C GLU A 220 -19.64 9.71 -13.08
N GLU A 221 -20.25 8.55 -13.26
CA GLU A 221 -20.59 7.72 -12.11
C GLU A 221 -19.33 7.18 -11.43
N LEU A 222 -18.37 6.76 -12.22
CA LEU A 222 -17.09 6.30 -11.70
C LEU A 222 -16.24 7.37 -11.01
N TYR A 223 -16.22 8.59 -11.55
CA TYR A 223 -15.49 9.67 -10.92
C TYR A 223 -16.02 9.96 -9.49
N LYS A 224 -17.34 9.82 -9.32
CA LYS A 224 -17.98 10.04 -7.99
C LYS A 224 -17.47 8.99 -7.00
N LEU A 225 -16.97 7.86 -7.49
CA LEU A 225 -16.48 6.81 -6.59
C LEU A 225 -14.99 7.02 -6.25
N GLY A 226 -14.39 8.07 -6.83
CA GLY A 226 -13.00 8.39 -6.67
C GLY A 226 -12.04 7.80 -7.68
N VAL A 227 -12.55 7.32 -8.81
CA VAL A 227 -11.62 6.97 -9.90
C VAL A 227 -10.91 8.21 -10.48
N ASN A 228 -9.60 8.08 -10.68
CA ASN A 228 -8.74 9.16 -11.12
C ASN A 228 -8.71 9.32 -12.64
N ALA A 229 -8.74 8.21 -13.36
CA ALA A 229 -8.64 8.31 -14.84
C ALA A 229 -9.31 7.11 -15.50
N PHE A 230 -9.51 7.16 -16.82
CA PHE A 230 -10.34 6.12 -17.43
C PHE A 230 -9.67 5.62 -18.70
N GLU A 231 -9.43 4.35 -18.77
CA GLU A 231 -8.83 3.72 -19.93
C GLU A 231 -9.98 3.44 -20.85
N ILE A 232 -9.94 4.02 -22.08
CA ILE A 232 -11.02 3.81 -23.02
C ILE A 232 -10.40 3.34 -24.37
N GLY A 233 -10.81 2.17 -24.84
CA GLY A 233 -10.18 1.59 -26.01
C GLY A 233 -11.19 1.32 -27.13
N THR A 234 -11.95 0.24 -27.00
CA THR A 234 -12.73 -0.17 -28.18
C THR A 234 -13.72 0.93 -28.65
N SER A 235 -14.36 1.63 -27.72
CA SER A 235 -15.25 2.71 -28.18
C SER A 235 -14.59 3.83 -29.00
N LEU A 236 -13.35 4.17 -28.62
CA LEU A 236 -12.59 5.22 -29.32
C LEU A 236 -12.01 4.67 -30.62
N MET A 237 -11.70 3.38 -30.66
CA MET A 237 -11.12 2.80 -31.92
C MET A 237 -12.23 2.77 -32.97
N ARG A 238 -13.46 2.60 -32.50
CA ARG A 238 -14.62 2.58 -33.45
C ARG A 238 -15.11 4.02 -33.82
N ASN A 239 -15.15 4.91 -32.81
CA ASN A 239 -15.61 6.30 -33.03
C ASN A 239 -14.70 7.29 -32.28
N PRO A 240 -13.56 7.66 -32.86
CA PRO A 240 -12.57 8.52 -32.16
C PRO A 240 -13.20 9.83 -31.78
N GLU A 241 -14.15 10.28 -32.59
CA GLU A 241 -14.80 11.57 -32.30
C GLU A 241 -15.54 11.58 -30.94
N LYS A 242 -15.77 10.44 -30.32
CA LYS A 242 -16.36 10.39 -29.00
C LYS A 242 -15.47 10.99 -27.88
N ILE A 243 -14.21 11.22 -28.19
CA ILE A 243 -13.34 11.82 -27.17
C ILE A 243 -13.95 13.12 -26.64
N LYS A 244 -14.61 13.91 -27.49
CA LYS A 244 -15.20 15.16 -27.06
C LYS A 244 -16.25 14.94 -25.93
N GLU A 245 -17.12 13.97 -26.14
CA GLU A 245 -18.21 13.64 -25.18
C GLU A 245 -17.60 13.21 -23.88
N PHE A 246 -16.41 12.60 -23.95
CA PHE A 246 -15.83 12.05 -22.74
C PHE A 246 -15.18 13.15 -21.90
N ILE A 247 -14.63 14.18 -22.55
CA ILE A 247 -13.86 15.23 -21.87
C ILE A 247 -14.54 16.62 -21.83
N GLN A 248 -15.61 16.84 -22.62
CA GLN A 248 -16.31 18.19 -22.70
C GLN A 248 -16.59 18.57 -21.25
N PRO B 2 0.52 18.55 13.50
CA PRO B 2 -0.46 17.68 14.23
C PRO B 2 -1.84 18.35 14.27
N ARG B 3 -2.83 17.61 14.76
CA ARG B 3 -4.09 18.23 15.05
C ARG B 3 -4.01 19.29 16.12
N TYR B 4 -5.06 20.12 16.22
CA TYR B 4 -5.17 21.03 17.37
C TYR B 4 -5.48 20.23 18.62
N LEU B 5 -4.63 20.37 19.64
CA LEU B 5 -4.83 19.48 20.84
C LEU B 5 -4.77 20.38 22.10
N LYS B 6 -5.12 19.79 23.26
CA LYS B 6 -5.10 20.57 24.50
C LYS B 6 -4.53 19.66 25.57
N GLY B 7 -4.17 20.25 26.70
CA GLY B 7 -3.80 19.44 27.87
C GLY B 7 -2.45 18.79 27.69
N TRP B 8 -2.30 17.60 28.30
CA TRP B 8 -1.01 16.97 28.31
C TRP B 8 -0.58 16.52 26.93
N LEU B 9 -1.53 16.15 26.10
CA LEU B 9 -1.21 15.73 24.74
C LEU B 9 -0.55 16.86 23.97
N GLU B 10 -1.08 18.06 24.14
CA GLU B 10 -0.50 19.19 23.48
C GLU B 10 0.98 19.44 23.95
N ASP B 11 1.26 19.23 25.24
CA ASP B 11 2.58 19.41 25.82
C ASP B 11 3.50 18.34 25.18
N VAL B 12 3.03 17.08 25.14
CA VAL B 12 3.93 15.99 24.58
C VAL B 12 4.22 16.27 23.07
N VAL B 13 3.20 16.70 22.34
CA VAL B 13 3.39 16.91 20.90
C VAL B 13 4.41 18.03 20.67
N GLN B 14 4.34 19.11 21.43
CA GLN B 14 5.39 20.14 21.34
C GLN B 14 6.77 19.63 21.67
N ARG B 15 6.83 18.84 22.72
CA ARG B 15 8.11 18.25 23.11
C ARG B 15 8.63 17.36 21.98
N SER B 16 7.74 16.60 21.32
CA SER B 16 8.17 15.65 20.26
C SER B 16 8.64 16.47 19.07
N GLN B 17 8.02 17.61 18.78
CA GLN B 17 8.49 18.41 17.68
C GLN B 17 9.87 18.96 17.92
N ARG B 18 10.19 19.32 19.15
CA ARG B 18 11.52 19.89 19.45
C ARG B 18 12.60 18.84 19.61
N ARG B 19 12.21 17.57 19.62
CA ARG B 19 13.16 16.54 20.09
C ARG B 19 14.30 16.27 19.07
N PRO B 20 15.56 16.36 19.53
CA PRO B 20 16.64 16.23 18.57
C PRO B 20 16.83 14.81 18.15
N SER B 21 17.28 14.62 16.93
CA SER B 21 17.56 13.28 16.44
CA SER B 21 17.54 13.31 16.44
C SER B 21 18.71 12.72 17.20
N VAL B 22 18.65 11.41 17.41
CA VAL B 22 19.61 10.70 18.26
C VAL B 22 20.80 10.13 17.45
N ARG B 23 21.98 10.08 18.08
CA ARG B 23 23.10 9.33 17.47
C ARG B 23 22.95 7.88 17.87
N ALA B 24 22.76 7.02 16.87
CA ALA B 24 22.51 5.58 17.16
C ALA B 24 22.75 4.82 15.85
N SER B 25 23.03 3.51 15.96
CA SER B 25 23.21 2.66 14.79
C SER B 25 22.66 1.27 15.12
N ARG B 26 21.76 0.78 14.27
CA ARG B 26 21.01 -0.46 14.59
C ARG B 26 21.92 -1.62 14.34
N GLN B 27 21.62 -2.68 15.07
CA GLN B 27 22.53 -3.85 15.17
C GLN B 27 22.07 -5.14 14.44
N ARG B 28 20.86 -5.10 13.87
CA ARG B 28 20.32 -6.20 13.03
C ARG B 28 19.27 -5.69 12.10
N PRO B 29 18.98 -6.45 11.08
CA PRO B 29 17.96 -5.88 10.14
C PRO B 29 16.62 -5.87 10.81
N ILE B 30 15.67 -5.17 10.20
CA ILE B 30 14.31 -5.13 10.77
C ILE B 30 13.70 -6.51 10.74
N ILE B 31 13.09 -6.92 11.85
CA ILE B 31 12.16 -8.09 11.92
C ILE B 31 10.73 -7.55 11.99
N SER B 32 9.92 -7.92 11.01
CA SER B 32 8.51 -7.44 10.95
C SER B 32 7.70 -7.93 12.12
N LEU B 33 7.24 -6.97 12.93
CA LEU B 33 6.40 -7.33 14.10
C LEU B 33 5.07 -7.92 13.58
N LYS B 34 4.52 -7.28 12.59
CA LYS B 34 3.27 -7.81 12.12
C LYS B 34 3.38 -9.18 11.49
N GLU B 35 4.46 -9.47 10.80
CA GLU B 35 4.63 -10.84 10.32
C GLU B 35 4.87 -11.86 11.39
N ARG B 36 5.61 -11.50 12.42
CA ARG B 36 5.78 -12.40 13.50
C ARG B 36 4.44 -12.70 14.23
N ILE B 37 3.57 -11.73 14.33
CA ILE B 37 2.24 -11.95 14.94
C ILE B 37 1.49 -13.01 14.07
N LEU B 38 1.58 -12.88 12.75
CA LEU B 38 0.94 -13.87 11.85
C LEU B 38 1.57 -15.28 11.98
N GLU B 39 2.86 -15.36 12.28
CA GLU B 39 3.53 -16.68 12.49
C GLU B 39 2.98 -17.27 13.77
N PHE B 40 2.89 -16.45 14.83
CA PHE B 40 2.26 -16.93 16.10
C PHE B 40 0.83 -17.47 15.85
N ASN B 41 0.05 -16.71 15.12
CA ASN B 41 -1.35 -17.10 14.76
C ASN B 41 -1.38 -18.49 14.07
N LYS B 42 -0.50 -18.65 13.09
CA LYS B 42 -0.37 -19.92 12.36
C LYS B 42 -0.01 -21.08 13.32
N ARG B 43 0.88 -20.83 14.30
CA ARG B 43 1.32 -21.86 15.23
C ARG B 43 0.30 -22.04 16.40
N ASN B 44 -0.82 -21.32 16.36
CA ASN B 44 -1.78 -21.28 17.51
C ASN B 44 -1.19 -20.95 18.91
N ILE B 45 -0.23 -20.03 18.91
CA ILE B 45 0.48 -19.56 20.10
C ILE B 45 -0.02 -18.14 20.39
N THR B 46 -0.46 -17.87 21.60
CA THR B 46 -1.01 -16.56 21.95
C THR B 46 0.12 -15.52 21.76
N ALA B 47 -0.23 -14.42 21.08
CA ALA B 47 0.82 -13.38 20.77
C ALA B 47 0.60 -12.16 21.71
N ILE B 48 1.52 -12.02 22.63
CA ILE B 48 1.48 -10.91 23.59
C ILE B 48 2.58 -9.90 23.23
N MET B 49 2.24 -8.61 23.07
CA MET B 49 3.24 -7.58 22.95
C MET B 49 3.36 -6.90 24.32
N ALA B 50 4.38 -7.26 25.10
CA ALA B 50 4.54 -6.62 26.43
C ALA B 50 5.09 -5.20 26.28
N VAL B 51 4.64 -4.29 27.14
CA VAL B 51 5.11 -2.89 27.09
C VAL B 51 6.08 -2.70 28.27
N TYR B 52 7.21 -2.04 28.05
CA TYR B 52 8.01 -1.52 29.15
C TYR B 52 7.76 0.01 29.31
N LYS B 53 7.33 0.37 30.51
CA LYS B 53 7.16 1.80 30.91
C LYS B 53 7.22 1.89 32.42
N ARG B 54 8.02 2.82 32.86
CA ARG B 54 8.11 3.09 34.32
C ARG B 54 6.92 3.87 34.85
N LYS B 55 6.39 4.80 34.05
CA LYS B 55 5.28 5.64 34.52
C LYS B 55 4.26 5.77 33.44
N SER B 56 3.07 6.25 33.79
CA SER B 56 2.08 6.51 32.71
C SER B 56 1.26 7.72 33.20
N PRO B 57 0.65 8.43 32.27
CA PRO B 57 -0.08 9.63 32.64
C PRO B 57 -1.32 9.29 33.49
N SER B 58 -1.78 8.04 33.52
CA SER B 58 -2.85 7.60 34.46
C SER B 58 -2.33 7.18 35.85
N GLY B 59 -1.03 7.16 36.04
CA GLY B 59 -0.55 7.06 37.44
C GLY B 59 0.35 5.87 37.76
N LEU B 60 0.65 5.07 36.76
CA LEU B 60 1.69 4.02 36.94
C LEU B 60 2.98 4.65 37.44
N ASP B 61 3.63 3.95 38.35
CA ASP B 61 4.90 4.41 38.84
C ASP B 61 5.64 3.22 39.43
N VAL B 62 6.51 2.64 38.60
CA VAL B 62 7.29 1.49 39.02
C VAL B 62 8.72 1.67 38.53
N GLU B 63 9.66 1.03 39.19
CA GLU B 63 11.04 0.99 38.68
C GLU B 63 11.38 -0.45 38.45
N ARG B 64 11.88 -0.76 37.25
CA ARG B 64 12.31 -2.12 36.85
C ARG B 64 13.42 -1.95 35.88
N ASP B 65 14.44 -2.79 35.96
CA ASP B 65 15.60 -2.62 35.10
C ASP B 65 15.07 -2.96 33.68
N PRO B 66 15.33 -2.11 32.66
CA PRO B 66 14.75 -2.44 31.34
C PRO B 66 15.32 -3.72 30.73
N ILE B 67 16.62 -3.99 30.91
CA ILE B 67 17.19 -5.18 30.28
C ILE B 67 16.63 -6.47 30.93
N GLU B 68 16.57 -6.46 32.23
CA GLU B 68 16.01 -7.61 32.91
C GLU B 68 14.56 -7.90 32.52
N TYR B 69 13.80 -6.82 32.41
CA TYR B 69 12.42 -7.01 32.08
C TYR B 69 12.32 -7.57 30.66
N ALA B 70 13.10 -6.98 29.74
CA ALA B 70 13.05 -7.46 28.39
C ALA B 70 13.51 -8.91 28.27
N LYS B 71 14.62 -9.25 28.92
CA LYS B 71 15.13 -10.68 28.85
C LYS B 71 14.15 -11.66 29.50
N PHE B 72 13.42 -11.21 30.53
CA PHE B 72 12.40 -12.04 31.17
C PHE B 72 11.26 -12.30 30.18
N MET B 73 10.77 -11.24 29.53
CA MET B 73 9.67 -11.36 28.55
C MET B 73 10.01 -12.07 27.24
N GLU B 74 11.29 -12.00 26.84
CA GLU B 74 11.73 -12.44 25.51
C GLU B 74 11.27 -13.85 25.23
N ARG B 75 11.30 -14.72 26.22
CA ARG B 75 10.95 -16.09 25.96
C ARG B 75 9.52 -16.33 25.61
N GLY B 76 8.65 -15.46 26.04
CA GLY B 76 7.21 -15.65 25.92
C GLY B 76 6.45 -14.72 24.93
N VAL B 77 7.00 -13.58 24.65
CA VAL B 77 6.22 -12.55 23.93
C VAL B 77 6.45 -12.68 22.44
N VAL B 78 5.53 -12.12 21.67
CA VAL B 78 5.70 -11.92 20.19
C VAL B 78 6.58 -10.73 19.90
N GLY B 79 6.62 -9.79 20.84
CA GLY B 79 7.44 -8.54 20.61
C GLY B 79 7.33 -7.70 21.85
N LEU B 80 8.06 -6.60 21.91
CA LEU B 80 8.01 -5.67 23.08
C LEU B 80 7.72 -4.30 22.48
N ALA B 81 7.02 -3.48 23.26
CA ALA B 81 6.83 -2.05 22.92
C ALA B 81 7.52 -1.28 24.06
N ILE B 82 8.49 -0.45 23.66
CA ILE B 82 9.29 0.27 24.63
C ILE B 82 8.93 1.75 24.64
N LEU B 83 8.53 2.30 25.82
CA LEU B 83 8.22 3.73 25.88
C LEU B 83 9.49 4.58 25.72
N THR B 84 9.45 5.58 24.84
CA THR B 84 10.60 6.46 24.71
C THR B 84 10.12 7.91 24.94
N GLU B 85 8.83 8.12 25.25
CA GLU B 85 8.37 9.45 25.66
C GLU B 85 8.88 9.72 27.04
N GLU B 86 9.34 10.94 27.23
CA GLU B 86 10.16 11.26 28.36
C GLU B 86 9.47 11.80 29.60
N LYS B 87 8.44 12.64 29.41
CA LYS B 87 7.97 13.39 30.59
C LYS B 87 6.84 12.61 31.28
N TYR B 88 5.88 12.04 30.54
CA TYR B 88 4.74 11.41 31.18
C TYR B 88 4.93 9.90 31.47
N PHE B 89 5.85 9.28 30.72
CA PHE B 89 6.07 7.88 30.81
C PHE B 89 7.48 7.60 31.34
N ASN B 90 8.27 8.65 31.51
CA ASN B 90 9.64 8.57 32.02
C ASN B 90 10.47 7.57 31.25
N GLY B 91 10.25 7.51 29.94
CA GLY B 91 11.07 6.71 29.08
C GLY B 91 12.22 7.52 28.48
N SER B 92 13.04 6.79 27.72
CA SER B 92 14.12 7.46 27.01
C SER B 92 14.61 6.57 25.87
N TYR B 93 15.28 7.21 24.92
CA TYR B 93 15.90 6.47 23.83
C TYR B 93 16.90 5.42 24.32
N GLU B 94 17.56 5.68 25.46
CA GLU B 94 18.52 4.74 26.00
C GLU B 94 17.81 3.43 26.36
N ASP B 95 16.55 3.49 26.83
CA ASP B 95 15.88 2.22 27.17
C ASP B 95 15.74 1.37 25.88
N LEU B 96 15.36 2.01 24.78
CA LEU B 96 15.20 1.24 23.51
C LEU B 96 16.55 0.79 22.98
N ARG B 97 17.55 1.66 23.02
CA ARG B 97 18.92 1.24 22.62
C ARG B 97 19.40 -0.02 23.32
N LYS B 98 19.24 -0.06 24.67
CA LYS B 98 19.67 -1.22 25.43
C LYS B 98 18.82 -2.45 25.10
N ILE B 99 17.49 -2.32 25.08
CA ILE B 99 16.70 -3.48 24.86
C ILE B 99 16.79 -4.08 23.43
N ALA B 100 16.77 -3.22 22.43
CA ALA B 100 16.75 -3.71 21.08
C ALA B 100 18.11 -4.31 20.71
N SER B 101 19.15 -4.01 21.49
CA SER B 101 20.45 -4.63 21.21
C SER B 101 20.69 -5.86 22.09
N SER B 102 19.74 -6.19 22.97
CA SER B 102 19.92 -7.24 23.98
C SER B 102 18.98 -8.43 23.94
N VAL B 103 17.89 -8.28 23.16
CA VAL B 103 16.93 -9.38 22.95
C VAL B 103 16.69 -9.57 21.46
N SER B 104 16.09 -10.70 21.08
CA SER B 104 15.96 -11.04 19.65
C SER B 104 14.55 -10.90 19.11
N VAL B 105 13.60 -10.45 19.93
CA VAL B 105 12.25 -10.29 19.45
C VAL B 105 12.00 -8.90 18.85
N PRO B 106 11.05 -8.78 17.94
CA PRO B 106 10.80 -7.45 17.33
C PRO B 106 10.30 -6.43 18.32
N ILE B 107 10.60 -5.16 18.02
CA ILE B 107 10.39 -4.06 18.94
C ILE B 107 9.60 -2.92 18.31
N LEU B 108 8.58 -2.47 19.02
CA LEU B 108 7.86 -1.28 18.63
C LEU B 108 8.35 -0.12 19.52
N MET B 109 8.76 0.99 18.92
CA MET B 109 9.08 2.15 19.74
C MET B 109 7.82 2.91 20.02
N TRP B 110 7.42 2.96 21.28
CA TRP B 110 6.15 3.57 21.64
C TRP B 110 6.38 5.03 22.08
N ASP B 111 5.83 5.97 21.33
CA ASP B 111 6.04 7.40 21.60
C ASP B 111 4.95 8.11 20.83
N ILE B 112 4.99 9.43 20.92
CA ILE B 112 4.07 10.29 20.22
C ILE B 112 4.82 10.88 19.01
N ILE B 113 4.67 10.17 17.91
CA ILE B 113 5.43 10.46 16.69
C ILE B 113 4.72 11.54 15.88
N VAL B 114 5.49 12.58 15.57
CA VAL B 114 4.91 13.76 14.85
C VAL B 114 5.76 14.17 13.69
N LYS B 115 6.94 13.53 13.52
CA LYS B 115 7.89 13.94 12.44
C LYS B 115 8.72 12.76 12.01
N GLU B 116 9.24 12.91 10.80
CA GLU B 116 10.10 11.90 10.27
C GLU B 116 11.30 11.54 11.12
N SER B 117 11.98 12.51 11.76
CA SER B 117 13.24 12.19 12.38
C SER B 117 12.99 11.32 13.59
N GLN B 118 11.77 11.30 14.10
CA GLN B 118 11.53 10.33 15.24
C GLN B 118 11.47 8.89 14.71
N ILE B 119 10.99 8.73 13.46
CA ILE B 119 11.03 7.39 12.85
C ILE B 119 12.49 7.02 12.50
N ASP B 120 13.25 8.01 12.03
CA ASP B 120 14.70 7.76 11.93
C ASP B 120 15.33 7.27 13.25
N ASP B 121 14.90 7.94 14.34
CA ASP B 121 15.43 7.65 15.71
C ASP B 121 15.05 6.18 16.02
N ALA B 122 13.78 5.81 15.80
CA ALA B 122 13.38 4.39 16.03
C ALA B 122 14.25 3.43 15.24
N TYR B 123 14.43 3.71 13.93
CA TYR B 123 15.24 2.87 13.07
C TYR B 123 16.67 2.74 13.56
N ASN B 124 17.28 3.88 13.93
CA ASN B 124 18.67 3.84 14.29
C ASN B 124 18.88 3.23 15.64
N LEU B 125 17.82 3.35 16.46
CA LEU B 125 17.95 2.71 17.82
C LEU B 125 17.66 1.20 17.82
N GLY B 126 17.27 0.71 16.67
CA GLY B 126 17.02 -0.72 16.50
C GLY B 126 15.59 -1.18 16.57
N ALA B 127 14.62 -0.27 16.65
CA ALA B 127 13.25 -0.75 16.66
C ALA B 127 12.85 -1.24 15.27
N ASP B 128 11.79 -2.02 15.26
CA ASP B 128 11.25 -2.65 14.02
C ASP B 128 10.06 -1.94 13.47
N THR B 129 9.43 -1.12 14.32
CA THR B 129 8.26 -0.41 13.89
C THR B 129 7.90 0.65 14.91
N VAL B 130 6.91 1.45 14.56
CA VAL B 130 6.42 2.51 15.47
C VAL B 130 4.92 2.48 15.43
N GLY B 131 4.29 3.20 16.36
CA GLY B 131 2.80 3.49 16.22
C GLY B 131 2.62 4.92 15.72
N LEU B 132 1.58 5.11 14.89
CA LEU B 132 1.20 6.43 14.45
C LEU B 132 -0.23 6.61 14.91
N ILE B 133 -0.50 7.73 15.56
CA ILE B 133 -1.77 7.86 16.29
C ILE B 133 -2.77 8.77 15.58
N VAL B 134 -3.92 8.20 15.24
CA VAL B 134 -4.86 8.96 14.35
C VAL B 134 -5.40 10.22 15.04
N LYS B 135 -5.53 10.13 16.34
CA LYS B 135 -6.02 11.30 17.09
C LYS B 135 -5.02 12.47 17.15
N ILE B 136 -3.73 12.20 16.89
CA ILE B 136 -2.62 13.16 17.04
C ILE B 136 -2.40 13.77 15.68
N LEU B 137 -2.53 12.97 14.63
CA LEU B 137 -1.96 13.41 13.33
C LEU B 137 -3.04 13.73 12.34
N THR B 138 -2.84 14.74 11.53
CA THR B 138 -3.81 14.98 10.44
C THR B 138 -3.77 13.78 9.47
N GLU B 139 -4.84 13.60 8.71
CA GLU B 139 -4.86 12.58 7.69
C GLU B 139 -3.66 12.68 6.75
N ARG B 140 -3.30 13.91 6.33
CA ARG B 140 -2.16 14.09 5.39
C ARG B 140 -0.84 13.72 6.06
N GLU B 141 -0.72 14.05 7.37
CA GLU B 141 0.55 13.73 8.07
C GLU B 141 0.60 12.23 8.19
N LEU B 142 -0.53 11.60 8.49
CA LEU B 142 -0.56 10.12 8.64
C LEU B 142 -0.14 9.43 7.39
N GLU B 143 -0.60 9.93 6.24
CA GLU B 143 -0.30 9.28 4.97
C GLU B 143 1.21 9.46 4.75
N SER B 144 1.71 10.63 5.08
CA SER B 144 3.11 10.93 4.81
C SER B 144 4.06 10.08 5.66
N LEU B 145 3.73 9.97 6.94
CA LEU B 145 4.55 9.21 7.89
C LEU B 145 4.44 7.70 7.69
N LEU B 146 3.29 7.28 7.20
CA LEU B 146 3.10 5.88 6.84
C LEU B 146 4.03 5.54 5.68
N GLU B 147 4.05 6.44 4.70
CA GLU B 147 4.88 6.19 3.52
C GLU B 147 6.35 6.25 3.94
N TYR B 148 6.67 7.19 4.83
CA TYR B 148 8.06 7.34 5.27
C TYR B 148 8.54 6.09 6.03
N ALA B 149 7.69 5.57 6.95
CA ALA B 149 8.07 4.37 7.75
C ALA B 149 8.27 3.21 6.78
N ARG B 150 7.35 3.09 5.83
CA ARG B 150 7.45 1.97 4.85
C ARG B 150 8.75 2.03 4.04
N SER B 151 9.17 3.25 3.71
CA SER B 151 10.39 3.46 2.91
C SER B 151 11.64 2.94 3.64
N LEU B 152 11.60 2.89 4.99
CA LEU B 152 12.71 2.35 5.81
C LEU B 152 12.56 0.88 6.06
N GLY B 153 11.47 0.33 5.62
CA GLY B 153 11.27 -1.07 5.79
C GLY B 153 10.40 -1.49 6.95
N MET B 154 9.78 -0.52 7.61
CA MET B 154 8.86 -0.83 8.68
C MET B 154 7.42 -0.86 8.21
N GLU B 155 6.59 -1.64 8.87
CA GLU B 155 5.15 -1.48 8.73
C GLU B 155 4.58 -0.97 10.04
N PRO B 156 4.22 0.29 10.07
CA PRO B 156 3.84 0.90 11.33
C PRO B 156 2.47 0.42 11.76
N ALA B 157 2.19 0.48 13.05
CA ALA B 157 0.83 0.19 13.55
C ALA B 157 0.09 1.53 13.58
N ILE B 158 -1.13 1.52 13.02
CA ILE B 158 -1.89 2.74 13.05
C ILE B 158 -2.85 2.59 14.23
N VAL B 159 -2.77 3.54 15.16
CA VAL B 159 -3.44 3.43 16.46
C VAL B 159 -4.81 4.22 16.42
N ILE B 160 -5.89 3.49 16.63
CA ILE B 160 -7.22 4.03 16.51
C ILE B 160 -7.98 3.85 17.85
N HIS B 161 -8.86 4.79 18.16
CA HIS B 161 -9.67 4.67 19.39
C HIS B 161 -11.17 4.64 19.04
N ASP B 162 -11.54 5.24 17.92
CA ASP B 162 -13.00 5.28 17.61
C ASP B 162 -13.28 5.10 16.15
N GLU B 163 -14.52 5.18 15.73
CA GLU B 163 -14.83 4.89 14.34
C GLU B 163 -14.28 5.89 13.34
N ASN B 164 -14.29 7.12 13.73
CA ASN B 164 -13.66 8.20 12.97
C ASN B 164 -12.18 7.87 12.68
N ASP B 165 -11.46 7.39 13.72
CA ASP B 165 -10.03 7.06 13.52
C ASP B 165 -9.94 5.88 12.58
N LEU B 166 -10.82 4.88 12.75
CA LEU B 166 -10.74 3.66 11.91
C LEU B 166 -11.01 4.03 10.44
N ASP B 167 -11.95 4.94 10.21
CA ASP B 167 -12.30 5.33 8.82
C ASP B 167 -11.07 5.86 8.11
N ILE B 168 -10.29 6.68 8.84
CA ILE B 168 -9.02 7.22 8.32
C ILE B 168 -8.03 6.12 8.08
N ALA B 169 -7.84 5.29 9.10
CA ALA B 169 -6.83 4.18 9.01
C ALA B 169 -7.10 3.30 7.79
N LEU B 170 -8.35 2.99 7.54
CA LEU B 170 -8.66 2.07 6.40
C LEU B 170 -8.46 2.87 5.08
N ARG B 171 -8.86 4.14 5.05
CA ARG B 171 -8.73 4.92 3.82
C ARG B 171 -7.24 5.08 3.43
N ILE B 172 -6.32 5.22 4.38
CA ILE B 172 -4.92 5.41 4.00
C ILE B 172 -4.22 4.10 3.72
N GLY B 173 -4.94 2.99 3.96
CA GLY B 173 -4.47 1.67 3.67
C GLY B 173 -3.55 1.05 4.74
N ALA B 174 -3.93 1.27 5.99
CA ALA B 174 -3.27 0.56 7.12
C ALA B 174 -3.32 -0.97 7.00
N ARG B 175 -2.19 -1.62 7.27
CA ARG B 175 -2.14 -3.08 7.30
C ARG B 175 -1.99 -3.64 8.67
N PHE B 176 -1.82 -2.73 9.64
CA PHE B 176 -1.47 -3.20 10.99
C PHE B 176 -2.09 -2.09 11.88
N ILE B 177 -3.08 -2.45 12.70
CA ILE B 177 -3.85 -1.46 13.45
C ILE B 177 -3.81 -1.90 14.96
N ILE B 178 -3.61 -0.95 15.86
CA ILE B 178 -3.81 -1.16 17.30
C ILE B 178 -5.12 -0.47 17.62
N ILE B 179 -6.02 -1.25 18.21
CA ILE B 179 -7.33 -0.73 18.69
C ILE B 179 -7.17 -0.45 20.17
N THR B 180 -7.15 0.79 20.58
CA THR B 180 -6.90 1.07 21.96
C THR B 180 -8.18 1.56 22.60
N SER B 181 -8.41 1.09 23.80
CA SER B 181 -9.54 1.54 24.59
C SER B 181 -9.12 2.73 25.46
N HIS B 182 -7.89 3.19 25.32
CA HIS B 182 -7.46 4.32 26.21
C HIS B 182 -8.02 5.63 25.71
N ASP B 183 -8.80 6.27 26.55
CA ASP B 183 -9.28 7.58 26.22
C ASP B 183 -8.17 8.61 26.68
N ILE B 189 -9.93 3.62 30.66
CA ILE B 189 -10.24 2.59 29.67
C ILE B 189 -11.72 2.67 29.38
N ASN B 190 -12.04 2.84 28.11
CA ASN B 190 -13.42 2.76 27.64
C ASN B 190 -13.58 1.70 26.52
N ASN B 191 -14.21 0.57 26.84
CA ASN B 191 -14.41 -0.54 25.90
C ASN B 191 -15.70 -0.50 25.03
N GLU B 192 -16.44 0.62 25.03
CA GLU B 192 -17.84 0.64 24.50
C GLU B 192 -17.87 0.27 23.02
N ASN B 193 -16.90 0.72 22.26
CA ASN B 193 -16.93 0.47 20.83
C ASN B 193 -15.94 -0.61 20.37
N GLN B 194 -15.23 -1.23 21.30
CA GLN B 194 -14.20 -2.26 21.00
C GLN B 194 -14.70 -3.38 20.04
N ARG B 195 -15.86 -3.99 20.38
CA ARG B 195 -16.34 -5.10 19.55
C ARG B 195 -16.68 -4.65 18.14
N LYS B 196 -17.36 -3.51 18.00
CA LYS B 196 -17.71 -3.00 16.69
C LYS B 196 -16.45 -2.65 15.82
N LEU B 197 -15.46 -1.99 16.44
CA LEU B 197 -14.23 -1.65 15.70
C LEU B 197 -13.52 -2.89 15.21
N ILE B 198 -13.40 -3.91 16.07
CA ILE B 198 -12.72 -5.14 15.64
C ILE B 198 -13.39 -5.73 14.41
N SER B 199 -14.73 -5.72 14.47
CA SER B 199 -15.55 -6.37 13.48
C SER B 199 -15.49 -5.60 12.18
N MET B 200 -15.14 -4.32 12.24
CA MET B 200 -15.05 -3.49 11.02
C MET B 200 -13.72 -3.59 10.31
N ILE B 201 -12.77 -4.30 10.89
CA ILE B 201 -11.43 -4.36 10.26
C ILE B 201 -11.36 -5.64 9.39
N PRO B 202 -10.95 -5.50 8.12
CA PRO B 202 -10.88 -6.66 7.22
C PRO B 202 -9.94 -7.74 7.83
N SER B 203 -10.20 -9.02 7.55
CA SER B 203 -9.38 -10.14 8.05
C SER B 203 -7.89 -10.11 7.78
N ASN B 204 -7.48 -9.56 6.64
CA ASN B 204 -6.05 -9.48 6.30
C ASN B 204 -5.30 -8.24 6.88
N VAL B 205 -5.97 -7.45 7.70
CA VAL B 205 -5.30 -6.39 8.43
C VAL B 205 -4.99 -7.04 9.82
N VAL B 206 -3.75 -6.94 10.27
CA VAL B 206 -3.42 -7.52 11.56
C VAL B 206 -3.90 -6.58 12.61
N LYS B 207 -4.62 -7.09 13.61
CA LYS B 207 -5.28 -6.20 14.62
C LYS B 207 -4.76 -6.54 15.95
N VAL B 208 -4.34 -5.53 16.75
CA VAL B 208 -3.84 -5.74 18.10
C VAL B 208 -4.73 -4.93 19.02
N VAL B 209 -5.04 -5.46 20.22
CA VAL B 209 -5.87 -4.69 21.18
C VAL B 209 -4.98 -4.21 22.33
N ALA B 210 -5.15 -2.95 22.74
CA ALA B 210 -4.59 -2.42 23.97
C ALA B 210 -5.76 -1.97 24.84
N SER B 211 -5.96 -2.55 26.03
CA SER B 211 -7.15 -2.10 26.80
C SER B 211 -7.01 -2.34 28.28
N GLY B 212 -5.79 -2.19 28.79
CA GLY B 212 -5.57 -2.49 30.28
C GLY B 212 -5.90 -3.93 30.61
N ILE B 213 -5.57 -4.84 29.70
CA ILE B 213 -5.82 -6.27 29.90
C ILE B 213 -5.05 -6.77 31.12
N SER B 214 -5.72 -7.58 31.92
CA SER B 214 -5.10 -8.08 33.12
C SER B 214 -5.51 -9.51 33.41
N GLU B 215 -6.38 -10.12 32.57
CA GLU B 215 -6.75 -11.52 32.76
C GLU B 215 -6.76 -12.32 31.48
N ARG B 216 -6.40 -13.61 31.60
CA ARG B 216 -6.43 -14.50 30.44
C ARG B 216 -7.83 -14.58 29.82
N ASN B 217 -8.89 -14.50 30.66
CA ASN B 217 -10.24 -14.57 30.06
C ASN B 217 -10.51 -13.44 29.07
N GLU B 218 -9.98 -12.24 29.35
CA GLU B 218 -10.19 -11.09 28.44
C GLU B 218 -9.56 -11.35 27.05
N ILE B 219 -8.34 -11.92 27.03
CA ILE B 219 -7.68 -12.35 25.84
C ILE B 219 -8.45 -13.43 25.04
N GLU B 220 -9.00 -14.41 25.77
CA GLU B 220 -9.78 -15.47 25.11
C GLU B 220 -10.98 -14.90 24.41
N GLU B 221 -11.61 -13.95 25.09
CA GLU B 221 -12.85 -13.35 24.54
C GLU B 221 -12.55 -12.52 23.31
N LEU B 222 -11.42 -11.82 23.32
CA LEU B 222 -11.03 -11.02 22.15
C LEU B 222 -10.52 -11.90 21.03
N TYR B 223 -9.84 -12.99 21.34
CA TYR B 223 -9.34 -13.87 20.31
C TYR B 223 -10.48 -14.50 19.46
N LYS B 224 -11.62 -14.83 20.12
CA LYS B 224 -12.83 -15.32 19.42
C LYS B 224 -13.29 -14.33 18.34
N LEU B 225 -13.05 -13.02 18.58
CA LEU B 225 -13.42 -11.98 17.61
C LEU B 225 -12.42 -11.83 16.45
N GLY B 226 -11.31 -12.57 16.47
CA GLY B 226 -10.32 -12.44 15.39
C GLY B 226 -9.13 -11.53 15.68
N VAL B 227 -9.02 -11.06 16.93
CA VAL B 227 -7.90 -10.19 17.26
C VAL B 227 -6.62 -11.01 17.12
N ASN B 228 -5.59 -10.44 16.48
CA ASN B 228 -4.35 -11.24 16.27
C ASN B 228 -3.35 -11.19 17.42
N ALA B 229 -3.36 -10.11 18.15
CA ALA B 229 -2.36 -10.04 19.23
C ALA B 229 -2.82 -9.01 20.27
N PHE B 230 -2.13 -9.03 21.41
CA PHE B 230 -2.59 -8.28 22.58
C PHE B 230 -1.43 -7.44 23.13
N GLU B 231 -1.62 -6.13 23.16
CA GLU B 231 -0.64 -5.22 23.81
C GLU B 231 -1.01 -5.24 25.28
N ILE B 232 -0.07 -5.63 26.12
CA ILE B 232 -0.34 -5.62 27.55
C ILE B 232 0.76 -4.86 28.24
N GLY B 233 0.40 -3.78 28.93
CA GLY B 233 1.42 -3.04 29.59
C GLY B 233 1.33 -2.95 31.10
N THR B 234 0.38 -2.14 31.59
CA THR B 234 0.43 -1.90 32.99
C THR B 234 0.32 -3.14 33.86
N SER B 235 -0.52 -4.10 33.49
CA SER B 235 -0.56 -5.30 34.36
C SER B 235 0.78 -6.05 34.43
N LEU B 236 1.53 -6.06 33.35
CA LEU B 236 2.87 -6.71 33.32
C LEU B 236 3.91 -5.90 34.00
N MET B 237 3.81 -4.56 33.94
CA MET B 237 4.78 -3.76 34.66
C MET B 237 4.59 -3.92 36.14
N ARG B 238 3.35 -4.16 36.56
CA ARG B 238 3.15 -4.33 38.04
C ARG B 238 3.46 -5.75 38.48
N ASN B 239 3.18 -6.75 37.64
CA ASN B 239 3.47 -8.15 37.98
C ASN B 239 3.90 -8.91 36.72
N PRO B 240 5.20 -8.86 36.40
CA PRO B 240 5.67 -9.46 35.16
C PRO B 240 5.40 -10.95 35.15
N GLU B 241 5.34 -11.57 36.32
CA GLU B 241 5.07 -13.03 36.37
C GLU B 241 3.70 -13.43 35.75
N LYS B 242 2.76 -12.47 35.57
CA LYS B 242 1.51 -12.74 34.89
C LYS B 242 1.68 -13.16 33.47
N ILE B 243 2.84 -12.98 32.88
CA ILE B 243 2.96 -13.38 31.47
C ILE B 243 2.60 -14.87 31.24
N LYS B 244 2.91 -15.69 32.24
CA LYS B 244 2.66 -17.12 32.09
C LYS B 244 1.13 -17.35 31.96
N GLU B 245 0.34 -16.63 32.77
CA GLU B 245 -1.17 -16.72 32.71
C GLU B 245 -1.64 -16.28 31.33
N PHE B 246 -0.98 -15.30 30.70
CA PHE B 246 -1.49 -14.78 29.42
C PHE B 246 -1.15 -15.65 28.23
N ILE B 247 -0.02 -16.30 28.31
CA ILE B 247 0.40 -17.20 27.24
C ILE B 247 0.14 -18.74 27.41
N GLN B 248 -0.07 -19.23 28.65
CA GLN B 248 -0.35 -20.69 28.88
C GLN B 248 -1.48 -21.21 28.00
NAF 0CT C . -5.45 -2.26 -18.96
CAH 0CT C . -4.22 -2.79 -19.14
CAC 0CT C . -2.98 -2.22 -19.36
CAA 0CT C . -1.82 -2.90 -19.57
CAB 0CT C . -1.96 -4.29 -19.55
CAD 0CT C . -3.22 -4.94 -19.30
CAI 0CT C . -4.35 -4.16 -19.12
NAG 0CT C . -5.66 -4.35 -18.91
NAE 0CT C . -6.23 -3.23 -18.86
P PO4 D . -8.21 8.55 -36.67
O1 PO4 D . -8.68 9.99 -36.32
O2 PO4 D . -8.89 7.78 -37.74
O3 PO4 D . -6.77 8.57 -37.16
O4 PO4 D . -8.28 7.84 -35.38
P PO4 E . -11.79 -0.91 -23.35
O1 PO4 E . -12.48 0.45 -23.37
O2 PO4 E . -10.19 -0.81 -23.34
O3 PO4 E . -12.08 -1.78 -24.58
O4 PO4 E . -12.08 -1.67 -22.05
P PO4 F . -2.10 -1.37 28.81
O1 PO4 F . -3.31 -1.04 27.95
O2 PO4 F . -2.12 -2.85 29.23
O3 PO4 F . -0.89 -1.04 27.87
O4 PO4 F . -1.87 -0.47 30.06
NAF 0CT G . -0.56 1.27 21.75
CAH 0CT G . 0.25 2.15 21.18
CAC 0CT G . 1.46 2.09 20.51
CAA 0CT G . 2.08 3.26 20.05
CAB 0CT G . 1.43 4.50 20.30
CAD 0CT G . 0.19 4.58 20.93
CAI 0CT G . -0.40 3.40 21.39
NAG 0CT G . -1.55 3.12 22.04
NAE 0CT G . -1.59 1.88 22.20
#